data_3QY3
#
_entry.id   3QY3
#
_cell.length_a   53.816
_cell.length_b   58.907
_cell.length_c   85.509
_cell.angle_alpha   90.000
_cell.angle_beta   90.000
_cell.angle_gamma   90.000
#
_symmetry.space_group_name_H-M   'I 2 2 2'
#
loop_
_entity.id
_entity.type
_entity.pdbx_description
1 polymer Thioesterase
2 non-polymer 'CHLORIDE ION'
3 water water
#
_entity_poly.entity_id   1
_entity_poly.type   'polypeptide(L)'
_entity_poly.pdbx_seq_one_letter_code
;(MSE)GSSHHHHHHSSGRENLYFQGH(MSE)ADRQLLHTAHIPVRWGD(MSE)DSYGHVNNTLYFQYLEEARVAWFETLG
IDLEGAAEGPVVLQSLHTYLKPVVHPATVVVELYAGRLGTSSLVLEHRLHTLEDPQGTYGEGHCKLVWVRHAENRSTPVP
DSIRAAIAGS
;
_entity_poly.pdbx_strand_id   A
#
# COMPACT_ATOMS: atom_id res chain seq x y z
N GLN A 27 0.19 -13.48 5.51
CA GLN A 27 0.38 -12.75 6.78
C GLN A 27 -0.06 -11.29 6.69
N LEU A 28 -0.98 -10.88 7.56
CA LEU A 28 -1.38 -9.44 7.63
C LEU A 28 -0.29 -8.58 8.25
N LEU A 29 0.22 -7.61 7.49
CA LEU A 29 1.23 -6.69 7.97
C LEU A 29 0.66 -5.42 8.61
N HIS A 30 -0.41 -4.88 8.04
CA HIS A 30 -0.92 -3.59 8.44
C HIS A 30 -2.36 -3.42 7.99
N THR A 31 -3.14 -2.77 8.87
CA THR A 31 -4.48 -2.34 8.56
C THR A 31 -4.56 -0.86 8.76
N ALA A 32 -4.92 -0.14 7.67
CA ALA A 32 -5.06 1.34 7.76
C ALA A 32 -6.51 1.71 7.54
N HIS A 33 -6.96 2.76 8.21
CA HIS A 33 -8.31 3.29 8.03
C HIS A 33 -8.18 4.68 7.41
N ILE A 34 -8.77 4.84 6.23
CA ILE A 34 -8.53 6.04 5.41
C ILE A 34 -9.90 6.67 5.14
N PRO A 35 -10.21 7.78 5.84
CA PRO A 35 -11.49 8.44 5.52
C PRO A 35 -11.51 8.95 4.10
N VAL A 36 -12.66 8.76 3.47
CA VAL A 36 -12.93 9.31 2.14
C VAL A 36 -13.35 10.76 2.24
N ARG A 37 -12.82 11.58 1.35
CA ARG A 37 -13.15 12.98 1.29
C ARG A 37 -14.12 13.18 0.16
N TRP A 38 -15.01 14.14 0.32
CA TRP A 38 -16.07 14.39 -0.68
C TRP A 38 -15.41 14.67 -2.02
N GLY A 39 -14.31 15.43 -1.98
CA GLY A 39 -13.57 15.81 -3.22
C GLY A 39 -12.84 14.65 -3.85
N ASP A 40 -12.79 13.49 -3.21
CA ASP A 40 -12.25 12.29 -3.82
C ASP A 40 -13.16 11.74 -4.98
N ASP A 42 -15.64 11.73 -8.36
CA ASP A 42 -15.63 12.36 -9.69
C ASP A 42 -17.07 12.54 -10.12
N SER A 43 -17.24 12.92 -11.39
CA SER A 43 -18.55 13.22 -11.88
C SER A 43 -19.50 11.99 -11.89
N TYR A 44 -18.99 10.76 -11.73
CA TYR A 44 -19.82 9.56 -11.57
C TYR A 44 -20.46 9.50 -10.20
N GLY A 45 -20.00 10.31 -9.26
CA GLY A 45 -20.55 10.27 -7.95
C GLY A 45 -20.10 9.09 -7.11
N HIS A 46 -18.93 8.55 -7.42
CA HIS A 46 -18.29 7.60 -6.54
C HIS A 46 -16.83 8.04 -6.46
N VAL A 47 -16.05 7.43 -5.57
CA VAL A 47 -14.65 7.80 -5.47
C VAL A 47 -13.96 7.58 -6.82
N ASN A 48 -13.19 8.56 -7.28
CA ASN A 48 -12.49 8.44 -8.57
C ASN A 48 -11.47 7.29 -8.54
N ASN A 49 -11.35 6.53 -9.65
CA ASN A 49 -10.51 5.33 -9.62
C ASN A 49 -9.09 5.60 -9.28
N THR A 50 -8.56 6.75 -9.65
CA THR A 50 -7.18 7.18 -9.28
CA THR A 50 -7.16 7.02 -9.27
C THR A 50 -6.94 7.21 -7.76
N LEU A 51 -7.94 7.69 -7.02
CA LEU A 51 -7.83 7.92 -5.59
C LEU A 51 -7.54 6.61 -4.80
N TYR A 52 -7.93 5.45 -5.31
CA TYR A 52 -7.64 4.20 -4.60
C TYR A 52 -6.16 3.99 -4.45
N PHE A 53 -5.40 4.49 -5.42
CA PHE A 53 -3.93 4.42 -5.31
C PHE A 53 -3.33 5.32 -4.26
N GLN A 54 -4.03 6.44 -3.99
CA GLN A 54 -3.64 7.30 -2.88
C GLN A 54 -3.93 6.62 -1.57
N TYR A 55 -5.10 5.97 -1.48
CA TYR A 55 -5.42 5.20 -0.29
C TYR A 55 -4.39 4.13 0.01
N LEU A 56 -3.98 3.42 -1.04
CA LEU A 56 -2.95 2.36 -0.93
C LEU A 56 -1.61 2.96 -0.53
N GLU A 57 -1.25 4.11 -1.14
CA GLU A 57 -0.06 4.83 -0.72
C GLU A 57 -0.08 5.23 0.73
N GLU A 58 -1.20 5.79 1.19
CA GLU A 58 -1.33 6.18 2.61
C GLU A 58 -1.13 4.98 3.55
N ALA A 59 -1.70 3.85 3.17
CA ALA A 59 -1.60 2.64 4.00
C ALA A 59 -0.14 2.21 4.06
N ARG A 60 0.56 2.17 2.92
CA ARG A 60 2.00 1.80 2.95
C ARG A 60 2.84 2.77 3.72
N VAL A 61 2.58 4.08 3.55
CA VAL A 61 3.30 5.09 4.34
C VAL A 61 3.11 4.88 5.84
N ALA A 62 1.88 4.58 6.26
CA ALA A 62 1.62 4.29 7.68
C ALA A 62 2.34 3.05 8.18
N TRP A 63 2.33 1.97 7.39
CA TRP A 63 3.12 0.75 7.69
C TRP A 63 4.61 1.09 7.80
N PHE A 64 5.15 1.78 6.80
CA PHE A 64 6.52 2.20 6.85
C PHE A 64 6.82 3.03 8.13
N GLU A 65 5.88 3.90 8.51
CA GLU A 65 6.09 4.73 9.72
C GLU A 65 6.21 3.85 10.94
N THR A 66 5.39 2.78 11.03
CA THR A 66 5.44 1.94 12.22
C THR A 66 6.80 1.29 12.36
N LEU A 67 7.48 1.13 11.23
CA LEU A 67 8.82 0.55 11.14
C LEU A 67 9.96 1.56 11.11
N GLY A 68 9.66 2.83 11.34
CA GLY A 68 10.69 3.89 11.32
C GLY A 68 11.34 4.11 9.97
N ILE A 69 10.67 3.69 8.89
CA ILE A 69 11.01 4.06 7.51
C ILE A 69 10.22 5.36 7.24
N ASP A 70 10.90 6.50 7.24
CA ASP A 70 10.13 7.75 7.31
C ASP A 70 9.92 8.48 5.96
N LEU A 71 10.67 8.07 4.93
CA LEU A 71 10.48 8.54 3.55
C LEU A 71 10.95 9.99 3.37
N GLU A 72 11.48 10.54 4.47
CA GLU A 72 11.76 11.95 4.71
C GLU A 72 13.12 12.33 4.13
N GLY A 73 13.48 11.72 3.00
CA GLY A 73 14.74 12.05 2.32
C GLY A 73 15.89 11.14 2.69
N ALA A 74 15.58 9.90 3.06
CA ALA A 74 16.60 8.89 3.34
C ALA A 74 17.38 8.54 2.08
N ALA A 75 18.65 8.19 2.26
CA ALA A 75 19.53 7.84 1.16
C ALA A 75 19.10 6.56 0.46
N GLU A 76 18.44 5.68 1.21
CA GLU A 76 17.91 4.43 0.68
C GLU A 76 16.47 4.25 1.14
N GLY A 77 15.64 3.71 0.27
CA GLY A 77 14.29 3.30 0.70
C GLY A 77 13.47 2.68 -0.40
N PRO A 78 12.20 2.38 -0.11
CA PRO A 78 11.36 1.61 -1.03
C PRO A 78 10.88 2.49 -2.19
N VAL A 79 10.90 1.90 -3.38
CA VAL A 79 10.38 2.54 -4.57
C VAL A 79 9.33 1.61 -5.18
N VAL A 80 8.18 2.17 -5.55
CA VAL A 80 7.17 1.41 -6.24
C VAL A 80 7.60 1.06 -7.70
N LEU A 81 7.68 -0.24 -8.00
CA LEU A 81 7.99 -0.71 -9.34
C LEU A 81 6.70 -0.95 -10.12
N GLN A 82 5.70 -1.50 -9.46
CA GLN A 82 4.49 -1.89 -10.12
C GLN A 82 3.28 -1.83 -9.21
N SER A 83 2.15 -1.41 -9.77
CA SER A 83 0.88 -1.40 -9.07
C SER A 83 -0.14 -2.11 -9.86
N LEU A 84 -0.89 -3.00 -9.22
CA LEU A 84 -1.99 -3.68 -9.83
C LEU A 84 -3.19 -3.53 -8.92
N HIS A 85 -4.32 -3.12 -9.49
CA HIS A 85 -5.51 -3.03 -8.72
C HIS A 85 -6.71 -3.44 -9.52
N THR A 86 -7.52 -4.32 -8.93
CA THR A 86 -8.79 -4.74 -9.47
C THR A 86 -9.93 -4.09 -8.70
N TYR A 87 -10.81 -3.39 -9.44
CA TYR A 87 -11.93 -2.61 -8.94
C TYR A 87 -13.17 -3.51 -8.92
N LEU A 88 -13.70 -3.73 -7.73
CA LEU A 88 -14.82 -4.64 -7.59
C LEU A 88 -16.12 -3.99 -7.18
N LYS A 89 -16.05 -3.01 -6.31
CA LYS A 89 -17.27 -2.33 -5.84
C LYS A 89 -16.89 -0.86 -5.61
N PRO A 90 -17.77 0.05 -5.98
CA PRO A 90 -17.48 1.48 -5.77
C PRO A 90 -17.66 1.89 -4.36
N VAL A 91 -16.96 2.95 -3.97
CA VAL A 91 -17.11 3.57 -2.65
C VAL A 91 -17.78 4.92 -2.88
N VAL A 92 -18.71 5.25 -2.00
CA VAL A 92 -19.41 6.50 -2.04
C VAL A 92 -19.27 7.23 -0.71
N HIS A 93 -18.92 8.52 -0.78
CA HIS A 93 -18.85 9.37 0.42
C HIS A 93 -20.22 9.49 1.11
N PRO A 94 -20.24 9.54 2.45
CA PRO A 94 -19.13 9.42 3.38
C PRO A 94 -18.79 7.91 3.55
N ALA A 95 -17.53 7.60 3.78
CA ALA A 95 -17.10 6.25 4.00
C ALA A 95 -15.68 6.30 4.53
N THR A 96 -15.29 5.22 5.20
CA THR A 96 -13.90 5.00 5.61
C THR A 96 -13.40 3.73 4.93
N VAL A 97 -12.38 3.88 4.10
CA VAL A 97 -11.81 2.74 3.41
C VAL A 97 -10.84 2.05 4.35
N VAL A 98 -10.87 0.72 4.38
CA VAL A 98 -9.99 -0.07 5.18
C VAL A 98 -9.09 -0.76 4.21
N VAL A 99 -7.81 -0.51 4.38
CA VAL A 99 -6.79 -1.09 3.55
C VAL A 99 -6.02 -2.14 4.37
N GLU A 100 -6.11 -3.39 3.97
CA GLU A 100 -5.29 -4.45 4.54
C GLU A 100 -4.10 -4.76 3.63
N LEU A 101 -2.90 -4.69 4.22
CA LEU A 101 -1.66 -5.05 3.56
C LEU A 101 -1.13 -6.39 4.08
N TYR A 102 -0.86 -7.27 3.12
CA TYR A 102 -0.36 -8.64 3.35
C TYR A 102 1.01 -8.83 2.75
N ALA A 103 1.82 -9.68 3.38
CA ALA A 103 3.14 -10.00 2.90
C ALA A 103 2.97 -10.93 1.73
N GLY A 104 3.42 -10.47 0.56
CA GLY A 104 3.61 -11.32 -0.60
C GLY A 104 5.07 -11.74 -0.63
N ARG A 105 5.56 -12.04 -1.81
CA ARG A 105 6.91 -12.58 -1.92
C ARG A 105 8.06 -11.58 -1.64
N LEU A 106 9.01 -12.05 -0.84
CA LEU A 106 10.13 -11.27 -0.43
C LEU A 106 11.38 -11.74 -1.17
N GLY A 107 12.03 -10.81 -1.85
CA GLY A 107 13.28 -11.05 -2.52
C GLY A 107 14.39 -10.45 -1.66
N THR A 108 15.61 -10.49 -2.16
CA THR A 108 16.70 -9.86 -1.42
C THR A 108 16.50 -8.34 -1.26
N SER A 109 15.96 -7.69 -2.29
CA SER A 109 15.74 -6.23 -2.26
CA SER A 109 15.76 -6.23 -2.29
C SER A 109 14.35 -5.82 -2.77
N SER A 110 13.40 -6.72 -2.75
CA SER A 110 12.04 -6.41 -3.23
C SER A 110 11.04 -7.12 -2.37
N LEU A 111 9.82 -6.59 -2.38
CA LEU A 111 8.76 -7.17 -1.63
C LEU A 111 7.49 -6.87 -2.39
N VAL A 112 6.66 -7.88 -2.53
CA VAL A 112 5.31 -7.72 -3.01
C VAL A 112 4.39 -7.54 -1.82
N LEU A 113 3.71 -6.40 -1.79
CA LEU A 113 2.70 -6.16 -0.79
C LEU A 113 1.35 -6.34 -1.43
N GLU A 114 0.62 -7.31 -0.92
CA GLU A 114 -0.68 -7.63 -1.46
C GLU A 114 -1.69 -6.83 -0.67
N HIS A 115 -2.75 -6.36 -1.32
CA HIS A 115 -3.73 -5.59 -0.65
C HIS A 115 -5.17 -6.03 -0.90
N ARG A 116 -6.01 -5.76 0.10
CA ARG A 116 -7.44 -5.88 -0.04
CA ARG A 116 -7.46 -5.93 0.00
C ARG A 116 -8.08 -4.66 0.60
N LEU A 117 -9.12 -4.17 -0.05
CA LEU A 117 -9.81 -2.96 0.35
C LEU A 117 -11.26 -3.29 0.71
N HIS A 118 -11.71 -2.79 1.87
CA HIS A 118 -13.08 -2.95 2.37
CA HIS A 118 -13.13 -2.83 2.16
C HIS A 118 -13.50 -1.50 2.83
N THR A 119 -14.65 -1.40 3.45
CA THR A 119 -15.06 -0.17 4.15
C THR A 119 -15.34 -0.55 5.60
N LEU A 120 -15.33 0.43 6.49
CA LEU A 120 -15.67 0.17 7.85
C LEU A 120 -17.07 -0.40 7.99
N GLU A 121 -18.03 0.10 7.23
CA GLU A 121 -19.43 -0.39 7.31
C GLU A 121 -19.63 -1.75 6.64
N ASP A 122 -18.66 -2.14 5.80
CA ASP A 122 -18.77 -3.32 4.99
C ASP A 122 -17.43 -4.05 5.07
N PRO A 123 -17.09 -4.52 6.28
CA PRO A 123 -15.71 -4.99 6.54
C PRO A 123 -15.37 -6.27 5.81
N GLN A 124 -16.38 -7.01 5.38
CA GLN A 124 -16.15 -8.21 4.61
C GLN A 124 -16.48 -8.10 3.13
N GLY A 125 -16.95 -6.95 2.66
CA GLY A 125 -17.10 -6.80 1.20
C GLY A 125 -15.71 -6.49 0.68
N THR A 126 -15.30 -7.05 -0.47
CA THR A 126 -14.04 -6.68 -1.09
C THR A 126 -14.33 -5.67 -2.20
N TYR A 127 -13.89 -4.45 -1.99
CA TYR A 127 -14.15 -3.38 -2.88
C TYR A 127 -13.10 -3.34 -3.95
N GLY A 128 -11.91 -3.80 -3.61
CA GLY A 128 -10.82 -3.89 -4.58
C GLY A 128 -9.67 -4.69 -3.98
N GLU A 129 -8.77 -5.16 -4.83
CA GLU A 129 -7.63 -5.97 -4.38
C GLU A 129 -6.55 -5.89 -5.42
N GLY A 130 -5.35 -6.16 -5.02
CA GLY A 130 -4.26 -6.16 -5.95
C GLY A 130 -2.92 -6.32 -5.23
N HIS A 131 -1.90 -5.68 -5.77
CA HIS A 131 -0.58 -5.70 -5.14
C HIS A 131 0.23 -4.49 -5.59
N CYS A 132 1.32 -4.25 -4.83
CA CYS A 132 2.32 -3.23 -5.08
CA CYS A 132 2.33 -3.25 -5.15
C CYS A 132 3.68 -3.91 -4.93
N LYS A 133 4.47 -3.92 -5.98
CA LYS A 133 5.83 -4.44 -5.92
CA LYS A 133 5.83 -4.44 -5.91
C LYS A 133 6.76 -3.31 -5.57
N LEU A 134 7.51 -3.45 -4.49
CA LEU A 134 8.44 -2.47 -4.03
C LEU A 134 9.84 -3.04 -4.22
N VAL A 135 10.76 -2.16 -4.55
CA VAL A 135 12.17 -2.48 -4.61
CA VAL A 135 12.18 -2.48 -4.58
C VAL A 135 12.91 -1.45 -3.73
N TRP A 136 13.88 -1.90 -2.93
CA TRP A 136 14.67 -0.98 -2.13
C TRP A 136 15.86 -0.57 -2.99
N VAL A 137 16.09 0.72 -3.06
CA VAL A 137 17.09 1.32 -3.90
C VAL A 137 17.85 2.44 -3.14
N ARG A 138 19.15 2.56 -3.39
CA ARG A 138 19.85 3.76 -2.97
C ARG A 138 19.58 4.81 -4.05
N HIS A 139 18.96 5.93 -3.69
CA HIS A 139 18.35 6.81 -4.68
C HIS A 139 19.34 7.58 -5.53
N ALA A 140 20.36 8.17 -4.89
CA ALA A 140 21.35 8.98 -5.61
C ALA A 140 22.15 8.13 -6.60
N GLU A 141 22.10 6.81 -6.42
CA GLU A 141 22.89 5.85 -7.19
C GLU A 141 22.07 4.98 -8.17
N ASN A 142 20.75 4.93 -7.99
CA ASN A 142 19.87 4.06 -8.80
C ASN A 142 20.32 2.60 -8.82
N ARG A 143 20.41 2.00 -7.63
CA ARG A 143 20.86 0.62 -7.48
C ARG A 143 20.16 -0.04 -6.30
N SER A 144 19.75 -1.29 -6.49
CA SER A 144 19.01 -2.03 -5.50
C SER A 144 19.85 -2.34 -4.28
N THR A 145 19.22 -2.30 -3.11
CA THR A 145 19.88 -2.49 -1.80
C THR A 145 19.02 -3.42 -0.96
N PRO A 146 19.60 -4.05 0.08
CA PRO A 146 18.75 -5.04 0.76
C PRO A 146 17.53 -4.47 1.49
N VAL A 147 16.49 -5.27 1.57
CA VAL A 147 15.32 -4.92 2.37
C VAL A 147 15.78 -4.78 3.86
N PRO A 148 15.26 -3.78 4.59
CA PRO A 148 15.61 -3.54 5.99
C PRO A 148 15.33 -4.77 6.85
N ASP A 149 16.08 -4.88 7.93
CA ASP A 149 15.94 -5.99 8.84
CA ASP A 149 15.93 -6.03 8.81
C ASP A 149 14.53 -6.11 9.40
N SER A 150 13.93 -4.97 9.67
CA SER A 150 12.60 -4.92 10.28
C SER A 150 11.55 -5.69 9.45
N ILE A 151 11.63 -5.52 8.13
CA ILE A 151 10.69 -6.19 7.23
C ILE A 151 11.00 -7.66 7.08
N ARG A 152 12.29 -8.00 6.95
CA ARG A 152 12.67 -9.38 6.97
C ARG A 152 12.19 -10.02 8.27
N ALA A 153 12.43 -9.36 9.40
CA ALA A 153 11.97 -9.86 10.71
C ALA A 153 10.45 -10.03 10.80
N ALA A 154 9.72 -9.07 10.25
CA ALA A 154 8.26 -9.08 10.32
C ALA A 154 7.74 -10.28 9.52
N ILE A 155 8.21 -10.37 8.28
CA ILE A 155 7.86 -11.48 7.39
C ILE A 155 8.50 -12.81 7.82
N ALA A 156 9.84 -12.80 7.91
CA ALA A 156 10.67 -13.95 8.27
C ALA A 156 11.07 -13.94 9.74
#